data_6IN8
#
_entry.id   6IN8
#
_cell.length_a   69.076
_cell.length_b   69.076
_cell.length_c   223.103
_cell.angle_alpha   90.00
_cell.angle_beta   90.00
_cell.angle_gamma   120.00
#
_symmetry.space_group_name_H-M   'P 65 2 2'
#
loop_
_entity.id
_entity.type
_entity.pdbx_description
1 polymer 'Sigma factor AlgU regulatory protein MucB'
2 water water
#
_entity_poly.entity_id   1
_entity_poly.type   'polypeptide(L)'
_entity_poly.pdbx_seq_one_letter_code
;GPGSADASDWLNRLAEADRQNSFQGTFVYERNGSFSTHEIWHRVESDGAVRERLLQLDGARQEVVRVDGRTQCISGGLAD
QLADAQLWPVRKFDPSQLASWYDLRLVGESRVAGRPAVVLAVTPRDQHRYGFELHLDRDTGLPLKSLLLNEKGQLLERFQ
FTQLNTGAAPAEDQLQAGAECQVVGPAKADGEKTVAWRSEWLPPGFTLTRSFMRRSPVTPDPVACLTYGDGLARFSVFIE
PLHGAMVGDARSQLGPTVVVSKRLQTDDGGQMVTVVGEVPLGTAERVALSIRPEAAAQK
;
_entity_poly.pdbx_strand_id   A
#
# COMPACT_ATOMS: atom_id res chain seq x y z
N GLY A 1 6.19 7.98 19.30
CA GLY A 1 6.95 6.80 18.97
C GLY A 1 6.49 5.59 19.76
N PRO A 2 7.28 4.52 19.75
CA PRO A 2 6.93 3.32 20.54
C PRO A 2 6.85 3.65 22.03
N GLY A 3 5.94 2.99 22.74
CA GLY A 3 5.60 3.40 24.09
C GLY A 3 6.26 2.52 25.12
N SER A 4 7.00 1.54 24.64
CA SER A 4 7.74 0.62 25.48
C SER A 4 8.88 0.07 24.68
N ALA A 5 9.81 -0.57 25.37
CA ALA A 5 10.93 -1.25 24.74
C ALA A 5 10.40 -2.41 23.88
N ASP A 6 9.39 -3.11 24.38
CA ASP A 6 8.75 -4.18 23.64
C ASP A 6 8.25 -3.70 22.27
N ALA A 7 7.46 -2.63 22.28
CA ALA A 7 6.95 -2.04 21.05
C ALA A 7 8.09 -1.66 20.12
N SER A 8 9.15 -1.12 20.70
CA SER A 8 10.33 -0.73 19.95
C SER A 8 10.99 -1.92 19.22
N ASP A 9 11.23 -3.00 19.94
CA ASP A 9 11.80 -4.22 19.36
C ASP A 9 10.93 -4.74 18.23
N TRP A 10 9.62 -4.82 18.46
CA TRP A 10 8.72 -5.35 17.46
C TRP A 10 8.59 -4.43 16.26
N LEU A 11 8.56 -3.13 16.50
CA LEU A 11 8.61 -2.18 15.41
C LEU A 11 9.86 -2.43 14.55
N ASN A 12 11.01 -2.64 15.20
CA ASN A 12 12.25 -2.94 14.50
C ASN A 12 12.17 -4.21 13.69
N ARG A 13 11.62 -5.26 14.28
CA ARG A 13 11.50 -6.53 13.58
C ARG A 13 10.60 -6.38 12.35
N LEU A 14 9.60 -5.50 12.46
CA LEU A 14 8.70 -5.25 11.35
C LEU A 14 9.44 -4.64 10.17
N ALA A 15 10.31 -3.66 10.45
CA ALA A 15 10.99 -2.94 9.40
C ALA A 15 11.98 -3.83 8.64
N GLU A 16 12.53 -4.83 9.32
CA GLU A 16 13.47 -5.75 8.69
C GLU A 16 12.77 -6.78 7.81
N ALA A 17 11.48 -6.99 8.06
CA ALA A 17 10.81 -8.19 7.61
C ALA A 17 10.79 -8.33 6.08
N ASP A 18 10.58 -7.21 5.39
CA ASP A 18 10.44 -7.21 3.93
C ASP A 18 11.68 -7.72 3.17
N ARG A 19 12.86 -7.27 3.56
CA ARG A 19 14.05 -7.59 2.80
C ARG A 19 14.74 -8.84 3.33
N GLN A 20 14.21 -9.43 4.39
CA GLN A 20 14.91 -10.56 4.99
C GLN A 20 14.13 -11.87 4.97
N ASN A 21 12.93 -11.85 4.44
CA ASN A 21 12.16 -13.08 4.35
C ASN A 21 11.66 -13.37 2.95
N SER A 22 11.77 -14.63 2.56
CA SER A 22 11.08 -15.13 1.38
C SER A 22 9.87 -15.92 1.85
N PHE A 23 8.77 -15.80 1.11
CA PHE A 23 7.54 -16.44 1.55
C PHE A 23 6.51 -16.55 0.44
N GLN A 24 5.55 -17.43 0.67
CA GLN A 24 4.37 -17.56 -0.15
C GLN A 24 3.19 -17.45 0.79
N GLY A 25 2.12 -16.81 0.36
CA GLY A 25 0.96 -16.70 1.21
C GLY A 25 -0.26 -16.23 0.46
N THR A 26 -1.41 -16.27 1.13
CA THR A 26 -2.63 -15.75 0.54
C THR A 26 -3.27 -14.81 1.55
N PHE A 27 -3.82 -13.70 1.08
CA PHE A 27 -4.45 -12.74 1.97
C PHE A 27 -5.72 -12.13 1.40
N VAL A 28 -6.52 -11.59 2.30
CA VAL A 28 -7.74 -10.86 1.98
C VAL A 28 -7.43 -9.37 1.98
N TYR A 29 -7.96 -8.65 1.01
CA TYR A 29 -7.93 -7.20 1.07
C TYR A 29 -9.35 -6.65 1.07
N GLU A 30 -9.61 -5.75 2.02
CA GLU A 30 -10.86 -5.02 2.08
C GLU A 30 -10.56 -3.56 2.28
N ARG A 31 -11.23 -2.73 1.50
CA ARG A 31 -11.05 -1.30 1.59
C ARG A 31 -12.39 -0.67 1.36
N ASN A 32 -12.92 -0.02 2.40
CA ASN A 32 -14.19 0.68 2.31
C ASN A 32 -15.29 -0.23 1.77
N GLY A 33 -15.31 -1.48 2.21
CA GLY A 33 -16.37 -2.39 1.78
C GLY A 33 -16.10 -3.23 0.55
N SER A 34 -14.98 -2.96 -0.13
CA SER A 34 -14.58 -3.80 -1.26
C SER A 34 -14.04 -5.11 -0.70
N PHE A 35 -13.94 -6.15 -1.52
CA PHE A 35 -13.43 -7.42 -1.04
C PHE A 35 -12.69 -8.13 -2.15
N SER A 36 -11.45 -8.53 -1.90
CA SER A 36 -10.72 -9.31 -2.88
C SER A 36 -9.73 -10.22 -2.19
N THR A 37 -9.35 -11.29 -2.89
CA THR A 37 -8.42 -12.26 -2.35
C THR A 37 -7.22 -12.40 -3.27
N HIS A 38 -6.04 -12.55 -2.69
CA HIS A 38 -4.80 -12.45 -3.45
C HIS A 38 -3.80 -13.48 -2.98
N GLU A 39 -3.03 -14.04 -3.91
CA GLU A 39 -1.92 -14.89 -3.53
C GLU A 39 -0.66 -14.08 -3.77
N ILE A 40 0.33 -14.26 -2.93
CA ILE A 40 1.55 -13.50 -3.07
C ILE A 40 2.77 -14.41 -2.96
N TRP A 41 3.74 -14.18 -3.84
CA TRP A 41 5.02 -14.85 -3.76
C TRP A 41 6.09 -13.79 -3.68
N HIS A 42 6.98 -13.97 -2.73
CA HIS A 42 7.92 -12.94 -2.36
C HIS A 42 9.27 -13.60 -2.13
N ARG A 43 10.27 -13.19 -2.87
CA ARG A 43 11.56 -13.84 -2.75
C ARG A 43 12.68 -12.84 -2.80
N VAL A 44 13.63 -13.00 -1.88
CA VAL A 44 14.87 -12.27 -1.92
C VAL A 44 15.82 -13.06 -2.81
N GLU A 45 16.23 -12.47 -3.93
CA GLU A 45 17.07 -13.17 -4.90
C GLU A 45 18.51 -13.21 -4.41
N SER A 46 19.43 -13.57 -5.31
CA SER A 46 20.85 -13.66 -4.98
C SER A 46 21.50 -12.29 -4.74
N ASP A 47 21.14 -11.33 -5.57
CA ASP A 47 21.68 -9.97 -5.49
C ASP A 47 20.90 -9.08 -4.53
N GLY A 48 20.07 -9.68 -3.69
CA GLY A 48 19.34 -8.95 -2.69
C GLY A 48 18.13 -8.19 -3.20
N ALA A 49 17.86 -8.29 -4.51
CA ALA A 49 16.67 -7.68 -5.06
C ALA A 49 15.46 -8.33 -4.40
N VAL A 50 14.49 -7.51 -4.03
CA VAL A 50 13.26 -8.08 -3.52
C VAL A 50 12.28 -8.23 -4.69
N ARG A 51 11.94 -9.48 -5.00
CA ARG A 51 11.07 -9.78 -6.13
C ARG A 51 9.71 -10.30 -5.66
N GLU A 52 8.65 -9.85 -6.33
CA GLU A 52 7.33 -10.07 -5.81
C GLU A 52 6.31 -10.30 -6.92
N ARG A 53 5.43 -11.27 -6.73
CA ARG A 53 4.31 -11.44 -7.64
C ARG A 53 2.99 -11.52 -6.85
N LEU A 54 1.99 -10.77 -7.30
CA LEU A 54 0.65 -10.84 -6.74
C LEU A 54 -0.34 -11.38 -7.76
N LEU A 55 -1.20 -12.31 -7.36
CA LEU A 55 -2.25 -12.83 -8.23
C LEU A 55 -3.59 -12.68 -7.53
N GLN A 56 -4.54 -11.98 -8.15
CA GLN A 56 -5.87 -11.88 -7.58
C GLN A 56 -6.62 -13.19 -7.86
N LEU A 57 -7.03 -13.87 -6.80
CA LEU A 57 -7.57 -15.22 -6.86
C LEU A 57 -9.02 -15.26 -7.27
N ASP A 58 -9.72 -14.16 -7.02
CA ASP A 58 -11.09 -14.05 -7.47
C ASP A 58 -11.25 -12.86 -8.42
N GLY A 59 -12.46 -12.65 -8.89
CA GLY A 59 -12.72 -11.58 -9.83
C GLY A 59 -11.94 -11.82 -11.11
N ALA A 60 -11.57 -10.73 -11.77
CA ALA A 60 -10.81 -10.82 -13.00
C ALA A 60 -9.42 -11.35 -12.70
N ARG A 61 -8.94 -12.28 -13.52
CA ARG A 61 -7.54 -12.66 -13.47
C ARG A 61 -6.68 -11.41 -13.64
N GLN A 62 -5.99 -11.04 -12.57
CA GLN A 62 -5.19 -9.83 -12.54
C GLN A 62 -3.88 -10.13 -11.81
N GLU A 63 -2.76 -9.67 -12.36
CA GLU A 63 -1.43 -9.97 -11.78
C GLU A 63 -0.54 -8.75 -11.76
N VAL A 64 0.36 -8.70 -10.78
CA VAL A 64 1.40 -7.68 -10.71
C VAL A 64 2.74 -8.32 -10.33
N VAL A 65 3.80 -7.91 -11.01
CA VAL A 65 5.15 -8.34 -10.67
C VAL A 65 5.97 -7.09 -10.39
N ARG A 66 6.54 -7.02 -9.19
CA ARG A 66 7.39 -5.90 -8.78
C ARG A 66 8.81 -6.36 -8.47
N VAL A 67 9.78 -5.50 -8.74
CA VAL A 67 11.16 -5.73 -8.30
C VAL A 67 11.67 -4.51 -7.52
N ASP A 68 11.94 -4.71 -6.23
CA ASP A 68 12.32 -3.62 -5.34
C ASP A 68 11.34 -2.46 -5.42
N GLY A 69 10.06 -2.77 -5.45
CA GLY A 69 9.05 -1.73 -5.50
C GLY A 69 8.67 -1.28 -6.89
N ARG A 70 9.49 -1.57 -7.88
CA ARG A 70 9.18 -1.14 -9.25
C ARG A 70 8.46 -2.24 -10.02
N THR A 71 7.36 -1.87 -10.64
CA THR A 71 6.50 -2.82 -11.34
C THR A 71 7.08 -3.22 -12.70
N GLN A 72 7.22 -4.53 -12.92
CA GLN A 72 7.69 -5.09 -14.19
C GLN A 72 6.53 -5.25 -15.17
N CYS A 73 5.47 -5.88 -14.70
CA CYS A 73 4.28 -6.04 -15.52
C CYS A 73 3.03 -5.88 -14.65
N ILE A 74 1.92 -5.47 -15.27
CA ILE A 74 0.66 -5.30 -14.56
C ILE A 74 -0.55 -5.65 -15.44
N SER A 75 -1.67 -5.99 -14.80
CA SER A 75 -2.88 -6.45 -15.49
C SER A 75 -4.05 -5.48 -15.46
N GLY A 76 -4.72 -5.34 -16.60
CA GLY A 76 -6.03 -4.74 -16.63
C GLY A 76 -6.06 -3.25 -16.84
N GLY A 77 -7.22 -2.64 -16.58
CA GLY A 77 -7.43 -1.23 -16.83
C GLY A 77 -6.90 -0.31 -15.75
N LEU A 78 -7.34 0.94 -15.82
CA LEU A 78 -6.88 1.97 -14.92
C LEU A 78 -7.25 1.67 -13.49
N ALA A 79 -8.52 1.34 -13.28
CA ALA A 79 -9.04 1.18 -11.93
C ALA A 79 -8.37 0.00 -11.27
N ASP A 80 -8.11 -1.04 -12.06
CA ASP A 80 -7.30 -2.15 -11.58
C ASP A 80 -5.97 -1.65 -11.01
N GLN A 81 -5.26 -0.79 -11.73
CA GLN A 81 -3.93 -0.32 -11.31
C GLN A 81 -3.95 0.63 -10.13
N LEU A 82 -5.08 1.30 -9.95
CA LEU A 82 -5.35 2.04 -8.73
C LEU A 82 -5.39 1.09 -7.57
N ALA A 83 -6.12 0.01 -7.76
CA ALA A 83 -6.26 -0.99 -6.71
C ALA A 83 -4.90 -1.61 -6.40
N ASP A 84 -4.04 -1.70 -7.40
CA ASP A 84 -2.71 -2.30 -7.21
C ASP A 84 -1.79 -1.41 -6.42
N ALA A 85 -1.83 -0.10 -6.69
CA ALA A 85 -0.96 0.86 -6.01
C ALA A 85 -1.19 0.84 -4.50
N GLN A 86 -2.31 0.27 -4.08
CA GLN A 86 -2.63 0.13 -2.65
C GLN A 86 -2.37 -1.27 -2.13
N LEU A 87 -2.16 -2.22 -3.03
CA LEU A 87 -1.96 -3.59 -2.60
C LEU A 87 -0.55 -3.79 -2.08
N TRP A 88 -0.30 -3.32 -0.87
CA TRP A 88 1.01 -3.48 -0.26
C TRP A 88 0.88 -4.24 1.05
N PRO A 89 0.62 -5.55 0.95
CA PRO A 89 0.45 -6.35 2.17
C PRO A 89 1.73 -6.37 3.01
N VAL A 90 2.87 -6.36 2.31
CA VAL A 90 4.16 -6.31 2.97
C VAL A 90 4.92 -5.18 2.34
N ARG A 91 5.13 -4.14 3.10
CA ARG A 91 5.76 -2.93 2.59
C ARG A 91 7.01 -2.65 3.41
N LYS A 92 7.83 -1.71 2.94
CA LYS A 92 8.95 -1.25 3.75
C LYS A 92 8.45 -0.19 4.72
N PHE A 93 8.72 -0.38 5.99
CA PHE A 93 8.41 0.60 7.02
C PHE A 93 9.68 1.35 7.35
N ASP A 94 9.53 2.56 7.88
CA ASP A 94 10.68 3.35 8.29
C ASP A 94 10.40 3.84 9.71
N PRO A 95 10.85 3.06 10.71
CA PRO A 95 10.48 3.35 12.09
C PRO A 95 10.92 4.74 12.53
N SER A 96 12.12 5.17 12.16
CA SER A 96 12.57 6.50 12.54
C SER A 96 11.70 7.59 11.93
N GLN A 97 11.25 7.40 10.69
CA GLN A 97 10.36 8.36 10.05
C GLN A 97 9.00 8.39 10.75
N LEU A 98 8.47 7.22 11.06
CA LEU A 98 7.08 7.15 11.52
C LEU A 98 6.94 7.53 12.99
N ALA A 99 8.03 7.44 13.75
CA ALA A 99 7.97 7.59 15.20
C ALA A 99 7.61 9.01 15.62
N SER A 100 7.80 9.97 14.72
CA SER A 100 7.42 11.35 15.01
C SER A 100 5.92 11.57 14.88
N TRP A 101 5.21 10.66 14.20
CA TRP A 101 3.81 10.93 13.86
C TRP A 101 2.83 9.95 14.47
N TYR A 102 3.36 8.92 15.12
CA TYR A 102 2.54 7.91 15.78
C TYR A 102 3.08 7.54 17.14
N ASP A 103 2.18 7.23 18.05
CA ASP A 103 2.51 6.49 19.28
C ASP A 103 2.22 5.02 19.05
N LEU A 104 3.11 4.14 19.52
CA LEU A 104 2.94 2.71 19.31
C LEU A 104 2.90 1.93 20.61
N ARG A 105 1.80 1.24 20.83
CA ARG A 105 1.65 0.51 22.07
C ARG A 105 1.52 -0.97 21.79
N LEU A 106 2.30 -1.75 22.52
CA LEU A 106 2.15 -3.20 22.57
C LEU A 106 0.84 -3.59 23.26
N VAL A 107 -0.06 -4.28 22.56
CA VAL A 107 -1.34 -4.64 23.15
C VAL A 107 -1.30 -6.06 23.72
N GLY A 108 -0.64 -6.96 23.00
CA GLY A 108 -0.56 -8.35 23.41
C GLY A 108 -0.18 -9.24 22.24
N GLU A 109 -0.70 -10.47 22.27
CA GLU A 109 -0.41 -11.48 21.27
C GLU A 109 -1.70 -11.83 20.55
N SER A 110 -1.61 -12.49 19.40
CA SER A 110 -2.80 -12.92 18.70
C SER A 110 -2.48 -14.11 17.83
N ARG A 111 -3.46 -14.52 17.04
CA ARG A 111 -3.30 -15.58 16.04
C ARG A 111 -3.81 -15.05 14.70
N VAL A 112 -2.99 -15.15 13.67
CA VAL A 112 -3.42 -14.86 12.31
C VAL A 112 -2.88 -15.93 11.38
N ALA A 113 -3.72 -16.40 10.45
CA ALA A 113 -3.37 -17.48 9.55
C ALA A 113 -2.80 -18.69 10.28
N GLY A 114 -3.35 -18.98 11.47
CA GLY A 114 -2.87 -20.09 12.25
C GLY A 114 -1.49 -19.93 12.90
N ARG A 115 -0.96 -18.71 12.91
CA ARG A 115 0.38 -18.44 13.45
C ARG A 115 0.34 -17.46 14.62
N PRO A 116 1.18 -17.69 15.65
CA PRO A 116 1.36 -16.75 16.76
C PRO A 116 1.83 -15.39 16.26
N ALA A 117 1.23 -14.33 16.78
CA ALA A 117 1.59 -12.99 16.35
C ALA A 117 1.62 -12.01 17.53
N VAL A 118 2.13 -10.82 17.29
CA VAL A 118 2.21 -9.77 18.30
C VAL A 118 1.44 -8.53 17.85
N VAL A 119 0.69 -7.90 18.76
CA VAL A 119 -0.21 -6.82 18.38
C VAL A 119 0.25 -5.47 18.85
N LEU A 120 0.38 -4.55 17.90
CA LEU A 120 0.67 -3.15 18.19
C LEU A 120 -0.54 -2.30 17.89
N ALA A 121 -0.87 -1.40 18.79
CA ALA A 121 -1.86 -0.35 18.52
C ALA A 121 -1.11 0.91 18.18
N VAL A 122 -1.35 1.40 16.98
CA VAL A 122 -0.58 2.52 16.44
C VAL A 122 -1.52 3.71 16.30
N THR A 123 -1.24 4.75 17.09
CA THR A 123 -2.14 5.89 17.20
C THR A 123 -1.50 7.12 16.59
N PRO A 124 -2.23 7.85 15.74
CA PRO A 124 -1.62 9.05 15.13
C PRO A 124 -1.42 10.17 16.15
N ARG A 125 -0.41 11.00 15.94
CA ARG A 125 -0.15 12.13 16.83
C ARG A 125 -0.77 13.41 16.29
N ASP A 126 -1.55 13.30 15.21
CA ASP A 126 -2.32 14.44 14.68
C ASP A 126 -3.53 13.94 13.92
N GLN A 127 -4.24 14.85 13.24
CA GLN A 127 -5.44 14.44 12.50
C GLN A 127 -5.24 14.42 10.98
N HIS A 128 -3.98 14.36 10.55
CA HIS A 128 -3.67 14.29 9.13
C HIS A 128 -3.50 12.85 8.65
N ARG A 129 -3.67 11.88 9.56
CA ARG A 129 -3.47 10.48 9.23
C ARG A 129 -4.32 9.58 10.11
N TYR A 130 -4.54 8.35 9.68
CA TYR A 130 -5.35 7.39 10.42
C TYR A 130 -4.50 6.58 11.39
N GLY A 131 -5.16 5.83 12.26
CA GLY A 131 -4.48 4.84 13.07
C GLY A 131 -4.49 3.43 12.50
N PHE A 132 -3.65 2.57 13.07
CA PHE A 132 -3.54 1.16 12.68
C PHE A 132 -3.57 0.23 13.89
N GLU A 133 -4.05 -0.99 13.68
CA GLU A 133 -3.77 -2.08 14.56
C GLU A 133 -2.97 -3.07 13.72
N LEU A 134 -1.77 -3.41 14.17
CA LEU A 134 -0.88 -4.27 13.38
C LEU A 134 -0.59 -5.59 14.08
N HIS A 135 -0.70 -6.69 13.37
CA HIS A 135 -0.36 -7.99 13.95
C HIS A 135 0.88 -8.50 13.24
N LEU A 136 1.97 -8.60 13.98
CA LEU A 136 3.25 -9.01 13.42
C LEU A 136 3.52 -10.49 13.65
N ASP A 137 3.93 -11.18 12.59
CA ASP A 137 4.32 -12.58 12.71
C ASP A 137 5.39 -12.73 13.79
N ARG A 138 5.17 -13.61 14.75
CA ARG A 138 6.12 -13.81 15.83
C ARG A 138 7.46 -14.27 15.27
N ASP A 139 7.40 -15.21 14.36
CA ASP A 139 8.61 -15.82 13.81
C ASP A 139 9.42 -14.85 12.97
N THR A 140 8.77 -14.14 12.05
CA THR A 140 9.48 -13.38 11.03
C THR A 140 9.31 -11.88 11.10
N GLY A 141 8.40 -11.40 11.94
CA GLY A 141 8.10 -9.98 11.94
C GLY A 141 7.16 -9.49 10.83
N LEU A 142 6.85 -10.34 9.86
CA LEU A 142 5.95 -9.94 8.78
C LEU A 142 4.56 -9.56 9.31
N PRO A 143 3.96 -8.53 8.72
CA PRO A 143 2.63 -8.05 9.08
C PRO A 143 1.54 -9.03 8.60
N LEU A 144 0.99 -9.81 9.51
CA LEU A 144 -0.02 -10.79 9.15
C LEU A 144 -1.38 -10.13 8.98
N LYS A 145 -1.61 -9.07 9.75
CA LYS A 145 -2.88 -8.38 9.73
C LYS A 145 -2.65 -6.90 9.94
N SER A 146 -3.35 -6.10 9.17
CA SER A 146 -3.30 -4.65 9.29
C SER A 146 -4.70 -4.07 9.23
N LEU A 147 -5.13 -3.43 10.30
CA LEU A 147 -6.44 -2.77 10.34
C LEU A 147 -6.27 -1.24 10.32
N LEU A 148 -6.83 -0.57 9.32
CA LEU A 148 -6.79 0.87 9.27
C LEU A 148 -8.02 1.43 9.99
N LEU A 149 -7.81 2.28 10.99
CA LEU A 149 -8.92 2.71 11.84
C LEU A 149 -9.05 4.22 11.87
N ASN A 150 -10.27 4.76 11.80
CA ASN A 150 -10.41 6.21 11.91
C ASN A 150 -10.54 6.65 13.35
N GLU A 151 -10.72 7.95 13.55
CA GLU A 151 -10.72 8.50 14.90
C GLU A 151 -11.85 7.90 15.73
N LYS A 152 -12.95 7.53 15.06
CA LYS A 152 -14.08 6.91 15.73
C LYS A 152 -13.91 5.41 15.85
N GLY A 153 -12.72 4.89 15.55
CA GLY A 153 -12.46 3.47 15.66
C GLY A 153 -13.12 2.56 14.62
N GLN A 154 -13.66 3.13 13.56
CA GLN A 154 -14.26 2.31 12.51
C GLN A 154 -13.17 1.72 11.59
N LEU A 155 -13.37 0.48 11.16
CA LEU A 155 -12.47 -0.21 10.24
C LEU A 155 -12.60 0.31 8.81
N LEU A 156 -11.51 0.78 8.21
CA LEU A 156 -11.56 1.35 6.86
C LEU A 156 -10.83 0.50 5.82
N GLU A 157 -9.93 -0.34 6.31
CA GLU A 157 -9.10 -1.17 5.44
C GLU A 157 -8.56 -2.34 6.22
N ARG A 158 -8.55 -3.49 5.58
CA ARG A 158 -8.06 -4.70 6.18
C ARG A 158 -7.10 -5.40 5.21
N PHE A 159 -5.85 -5.62 5.64
CA PHE A 159 -5.01 -6.66 5.03
C PHE A 159 -4.99 -7.82 5.98
N GLN A 160 -5.25 -9.02 5.52
CA GLN A 160 -5.18 -10.15 6.43
C GLN A 160 -4.84 -11.45 5.73
N PHE A 161 -3.70 -12.02 6.08
CA PHE A 161 -3.30 -13.31 5.58
C PHE A 161 -4.23 -14.39 6.06
N THR A 162 -4.54 -15.34 5.18
CA THR A 162 -5.26 -16.54 5.57
C THR A 162 -4.30 -17.72 5.68
N GLN A 163 -3.21 -17.65 4.93
CA GLN A 163 -2.15 -18.66 5.05
C GLN A 163 -0.82 -18.01 4.73
N LEU A 164 0.22 -18.44 5.43
CA LEU A 164 1.55 -17.94 5.17
C LEU A 164 2.57 -19.06 5.30
N ASN A 165 3.41 -19.20 4.30
CA ASN A 165 4.46 -20.21 4.31
C ASN A 165 5.82 -19.52 4.22
N THR A 166 6.54 -19.49 5.33
CA THR A 166 7.85 -18.86 5.37
C THR A 166 8.98 -19.88 5.43
N GLY A 167 8.67 -21.13 5.16
CA GLY A 167 9.57 -22.24 5.40
C GLY A 167 10.53 -22.59 4.28
N ALA A 168 10.26 -22.07 3.09
CA ALA A 168 11.11 -22.30 1.93
C ALA A 168 10.77 -21.27 0.87
N ALA A 169 11.78 -20.70 0.25
CA ALA A 169 11.57 -19.67 -0.76
C ALA A 169 10.80 -20.22 -1.96
N PRO A 170 9.93 -19.40 -2.55
CA PRO A 170 9.19 -19.86 -3.73
C PRO A 170 10.14 -20.22 -4.86
N ALA A 171 9.77 -21.18 -5.69
CA ALA A 171 10.54 -21.54 -6.87
C ALA A 171 10.43 -20.44 -7.92
N GLU A 172 11.39 -20.40 -8.84
CA GLU A 172 11.44 -19.38 -9.88
C GLU A 172 10.13 -19.24 -10.65
N ASP A 173 9.54 -20.37 -11.04
CA ASP A 173 8.30 -20.35 -11.84
C ASP A 173 7.15 -19.68 -11.10
N GLN A 174 7.18 -19.73 -9.78
CA GLN A 174 6.10 -19.18 -8.98
C GLN A 174 6.17 -17.65 -8.99
N LEU A 175 7.32 -17.12 -9.35
CA LEU A 175 7.48 -15.69 -9.37
C LEU A 175 7.16 -15.09 -10.73
N GLN A 176 6.69 -15.91 -11.67
CA GLN A 176 6.41 -15.41 -13.02
C GLN A 176 4.92 -15.32 -13.33
N ALA A 177 4.55 -14.21 -13.97
CA ALA A 177 3.16 -13.96 -14.33
C ALA A 177 2.84 -14.60 -15.67
N GLY A 178 1.64 -14.35 -16.16
CA GLY A 178 1.20 -14.90 -17.43
C GLY A 178 1.05 -13.83 -18.52
N ALA A 179 0.53 -14.22 -19.67
CA ALA A 179 0.51 -13.32 -20.83
C ALA A 179 -0.40 -12.11 -20.62
N GLU A 180 -1.33 -12.20 -19.68
CA GLU A 180 -2.27 -11.11 -19.49
C GLU A 180 -1.65 -9.96 -18.69
N CYS A 181 -0.50 -10.23 -18.08
CA CYS A 181 0.26 -9.23 -17.35
C CYS A 181 1.07 -8.42 -18.36
N GLN A 182 0.77 -7.14 -18.51
CA GLN A 182 1.36 -6.32 -19.57
C GLN A 182 2.67 -5.66 -19.14
N VAL A 183 3.67 -5.72 -20.01
CA VAL A 183 5.00 -5.18 -19.73
C VAL A 183 5.02 -3.69 -19.38
N VAL A 184 5.79 -3.37 -18.35
CA VAL A 184 6.03 -2.00 -17.87
C VAL A 184 4.74 -1.38 -17.34
N ALA A 196 6.72 13.86 -13.23
CA ALA A 196 6.66 15.15 -13.90
C ALA A 196 5.70 16.11 -13.20
N TRP A 197 5.18 15.69 -12.05
CA TRP A 197 4.23 16.47 -11.28
C TRP A 197 4.67 16.53 -9.85
N ARG A 198 4.03 17.39 -9.06
CA ARG A 198 4.37 17.53 -7.66
C ARG A 198 3.15 17.90 -6.83
N SER A 199 3.14 17.51 -5.56
CA SER A 199 2.20 18.04 -4.58
C SER A 199 2.87 19.16 -3.79
N GLU A 200 2.30 20.36 -3.82
CA GLU A 200 2.89 21.48 -3.08
C GLU A 200 2.48 21.43 -1.61
N TRP A 201 1.43 20.70 -1.30
CA TRP A 201 1.11 20.46 0.09
C TRP A 201 1.08 18.97 0.41
N LEU A 202 1.90 18.57 1.37
CA LEU A 202 1.84 17.24 1.97
C LEU A 202 1.57 17.32 3.48
N PRO A 203 0.84 16.35 4.02
CA PRO A 203 0.73 16.28 5.47
C PRO A 203 2.12 16.05 6.07
N PRO A 204 2.34 16.54 7.28
CA PRO A 204 3.69 16.47 7.85
C PRO A 204 4.25 15.05 7.90
N GLY A 205 5.53 14.91 7.58
CA GLY A 205 6.19 13.62 7.66
C GLY A 205 6.12 12.81 6.39
N PHE A 206 5.18 13.15 5.52
CA PHE A 206 5.04 12.40 4.27
C PHE A 206 6.07 12.86 3.26
N THR A 207 6.71 11.89 2.62
CA THR A 207 7.68 12.14 1.56
C THR A 207 7.30 11.28 0.37
N LEU A 208 7.81 11.63 -0.80
CA LEU A 208 7.54 10.88 -2.02
C LEU A 208 8.25 9.54 -1.99
N THR A 209 7.46 8.48 -2.02
CA THR A 209 8.01 7.14 -1.99
C THR A 209 8.42 6.71 -3.38
N ARG A 210 7.62 7.08 -4.36
CA ARG A 210 7.72 6.48 -5.68
C ARG A 210 6.87 7.20 -6.70
N SER A 211 7.40 7.41 -7.90
CA SER A 211 6.62 7.92 -9.01
C SER A 211 6.79 7.02 -10.25
N PHE A 212 5.71 6.85 -10.99
CA PHE A 212 5.76 6.10 -12.25
C PHE A 212 4.61 6.50 -13.19
N MET A 213 4.63 5.97 -14.41
CA MET A 213 3.72 6.38 -15.46
C MET A 213 2.78 5.27 -15.92
N THR A 219 -2.91 2.80 -18.90
CA THR A 219 -2.79 1.91 -20.04
C THR A 219 -3.61 2.40 -21.26
N PRO A 220 -4.92 2.69 -21.08
CA PRO A 220 -5.61 3.21 -22.27
C PRO A 220 -5.10 4.61 -22.64
N ASP A 221 -4.71 5.38 -21.64
CA ASP A 221 -4.12 6.71 -21.84
C ASP A 221 -2.95 6.88 -20.87
N PRO A 222 -2.03 7.83 -21.16
CA PRO A 222 -0.90 8.08 -20.25
C PRO A 222 -1.34 8.61 -18.89
N VAL A 223 -0.91 7.95 -17.82
CA VAL A 223 -1.25 8.38 -16.47
C VAL A 223 -0.02 8.45 -15.58
N ALA A 224 0.15 9.57 -14.89
CA ALA A 224 1.23 9.71 -13.89
C ALA A 224 0.75 9.38 -12.48
N CYS A 225 1.62 8.73 -11.69
CA CYS A 225 1.33 8.37 -10.31
C CYS A 225 2.40 8.84 -9.32
N LEU A 226 1.97 9.36 -8.18
CA LEU A 226 2.85 9.69 -7.09
C LEU A 226 2.40 8.92 -5.87
N THR A 227 3.30 8.14 -5.27
CA THR A 227 3.00 7.49 -4.00
C THR A 227 3.78 8.18 -2.89
N TYR A 228 3.07 8.50 -1.80
CA TYR A 228 3.65 9.15 -0.64
C TYR A 228 3.50 8.26 0.59
N GLY A 229 4.44 8.38 1.53
CA GLY A 229 4.39 7.64 2.76
C GLY A 229 5.03 8.42 3.90
N ASP A 230 4.63 8.08 5.12
CA ASP A 230 5.19 8.70 6.31
C ASP A 230 6.01 7.69 7.11
N GLY A 231 6.46 6.64 6.44
CA GLY A 231 7.12 5.52 7.10
C GLY A 231 6.15 4.40 7.49
N LEU A 232 4.87 4.73 7.55
CA LEU A 232 3.87 3.75 7.93
C LEU A 232 2.72 3.70 6.94
N ALA A 233 1.95 4.78 6.87
CA ALA A 233 0.87 4.91 5.89
C ALA A 233 1.40 5.14 4.48
N ARG A 234 0.61 4.77 3.49
CA ARG A 234 0.91 4.98 2.08
C ARG A 234 -0.35 5.52 1.40
N PHE A 235 -0.25 6.58 0.59
CA PHE A 235 -1.34 6.91 -0.32
C PHE A 235 -0.77 7.35 -1.65
N SER A 236 -1.59 7.26 -2.69
CA SER A 236 -1.16 7.56 -4.05
C SER A 236 -2.08 8.57 -4.74
N VAL A 237 -1.47 9.40 -5.58
CA VAL A 237 -2.20 10.35 -6.38
C VAL A 237 -1.98 10.04 -7.86
N PHE A 238 -3.07 9.80 -8.59
CA PHE A 238 -3.02 9.56 -10.04
C PHE A 238 -3.44 10.80 -10.81
N ILE A 239 -2.63 11.18 -11.80
CA ILE A 239 -2.90 12.35 -12.61
C ILE A 239 -3.10 11.95 -14.05
N GLU A 240 -4.33 12.08 -14.53
CA GLU A 240 -4.65 11.69 -15.89
C GLU A 240 -5.06 12.89 -16.73
N PRO A 241 -4.24 13.21 -17.75
CA PRO A 241 -4.47 14.27 -18.75
C PRO A 241 -5.81 14.20 -19.42
N LEU A 242 -6.43 15.37 -19.59
CA LEU A 242 -7.75 15.56 -20.20
C LEU A 242 -8.81 15.13 -19.19
N MET A 246 -10.65 11.97 -23.24
CA MET A 246 -11.06 13.08 -24.11
C MET A 246 -11.63 14.21 -23.28
N VAL A 247 -11.33 15.45 -23.68
CA VAL A 247 -11.54 16.62 -22.82
C VAL A 247 -12.98 16.80 -22.33
N GLY A 248 -13.95 16.55 -23.21
CA GLY A 248 -15.34 16.69 -22.83
C GLY A 248 -15.92 15.40 -22.27
N ASP A 249 -15.10 14.36 -22.27
CA ASP A 249 -15.53 13.02 -21.89
C ASP A 249 -14.64 12.47 -20.76
N ALA A 250 -14.68 13.14 -19.62
CA ALA A 250 -13.77 12.82 -18.53
C ALA A 250 -14.14 11.52 -17.83
N ARG A 251 -13.12 10.82 -17.34
CA ARG A 251 -13.34 9.58 -16.62
C ARG A 251 -13.15 9.77 -15.12
N SER A 252 -14.26 9.92 -14.40
CA SER A 252 -14.24 9.93 -12.94
C SER A 252 -13.98 8.51 -12.46
N GLN A 253 -12.96 8.33 -11.63
CA GLN A 253 -12.77 7.03 -11.00
C GLN A 253 -13.84 6.84 -9.94
N LEU A 254 -14.65 5.81 -10.12
CA LEU A 254 -15.83 5.61 -9.27
C LEU A 254 -15.70 4.39 -8.38
N GLY A 255 -14.49 3.83 -8.34
CA GLY A 255 -14.23 2.66 -7.51
C GLY A 255 -14.47 2.96 -6.04
N PRO A 256 -14.74 1.92 -5.26
CA PRO A 256 -15.04 2.09 -3.83
C PRO A 256 -13.82 2.51 -3.02
N THR A 257 -12.61 2.25 -3.51
CA THR A 257 -11.43 2.62 -2.73
C THR A 257 -11.00 4.06 -3.00
N VAL A 258 -11.65 4.73 -3.94
CA VAL A 258 -11.28 6.09 -4.29
C VAL A 258 -11.59 7.05 -3.14
N VAL A 259 -10.61 7.82 -2.70
CA VAL A 259 -10.85 8.76 -1.62
C VAL A 259 -11.36 10.10 -2.18
N VAL A 260 -10.63 10.67 -3.14
CA VAL A 260 -11.13 11.78 -3.96
C VAL A 260 -10.80 11.56 -5.44
N SER A 261 -11.72 11.98 -6.30
CA SER A 261 -11.46 12.03 -7.73
C SER A 261 -11.97 13.35 -8.24
N LYS A 262 -11.04 14.24 -8.60
CA LYS A 262 -11.38 15.58 -9.05
C LYS A 262 -10.82 15.89 -10.43
N ARG A 263 -11.59 16.62 -11.24
CA ARG A 263 -11.03 17.20 -12.44
C ARG A 263 -10.43 18.54 -12.06
N LEU A 264 -9.16 18.72 -12.37
CA LEU A 264 -8.48 19.96 -12.04
C LEU A 264 -7.93 20.63 -13.27
N GLN A 265 -7.95 21.95 -13.26
CA GLN A 265 -7.34 22.70 -14.33
C GLN A 265 -5.99 23.19 -13.84
N THR A 266 -4.94 22.79 -14.53
CA THR A 266 -3.60 23.20 -14.18
C THR A 266 -3.01 24.08 -15.26
N ASP A 267 -1.76 24.49 -15.08
CA ASP A 267 -1.06 25.24 -16.10
C ASP A 267 -0.58 24.32 -17.20
N ASP A 268 -0.82 23.02 -17.04
CA ASP A 268 -0.53 22.07 -18.10
C ASP A 268 -1.82 21.37 -18.54
N GLY A 269 -2.93 22.09 -18.45
CA GLY A 269 -4.20 21.62 -19.00
C GLY A 269 -5.09 20.91 -17.99
N GLY A 270 -6.15 20.28 -18.48
CA GLY A 270 -7.07 19.57 -17.61
C GLY A 270 -6.50 18.24 -17.16
N GLN A 271 -6.68 17.93 -15.87
CA GLN A 271 -6.20 16.67 -15.33
C GLN A 271 -7.32 15.98 -14.55
N MET A 272 -7.42 14.67 -14.70
CA MET A 272 -8.25 13.89 -13.80
C MET A 272 -7.39 13.45 -12.62
N VAL A 273 -7.68 13.96 -11.43
CA VAL A 273 -6.82 13.67 -10.28
C VAL A 273 -7.52 12.75 -9.30
N THR A 274 -6.94 11.57 -9.08
CA THR A 274 -7.53 10.60 -8.17
C THR A 274 -6.58 10.27 -7.01
N VAL A 275 -7.08 10.40 -5.78
CA VAL A 275 -6.29 9.97 -4.63
C VAL A 275 -6.87 8.71 -4.00
N VAL A 276 -6.01 7.71 -3.81
CA VAL A 276 -6.39 6.47 -3.18
C VAL A 276 -5.43 6.19 -2.05
N GLY A 277 -5.82 5.28 -1.15
CA GLY A 277 -4.91 4.82 -0.11
C GLY A 277 -5.28 5.25 1.29
N GLU A 278 -4.29 5.19 2.16
CA GLU A 278 -4.50 5.33 3.60
C GLU A 278 -4.40 6.79 4.03
N VAL A 279 -5.43 7.56 3.70
CA VAL A 279 -5.39 9.01 3.89
C VAL A 279 -6.81 9.57 4.10
N PRO A 280 -6.98 10.36 5.15
CA PRO A 280 -8.29 10.95 5.43
C PRO A 280 -8.77 11.82 4.26
N LEU A 281 -10.08 11.95 4.13
CA LEU A 281 -10.68 12.66 3.02
C LEU A 281 -10.20 14.11 2.94
N GLY A 282 -10.23 14.81 4.07
CA GLY A 282 -9.88 16.22 4.08
C GLY A 282 -8.43 16.43 3.66
N THR A 283 -7.60 15.48 4.08
CA THR A 283 -6.18 15.49 3.76
C THR A 283 -5.96 15.19 2.28
N ALA A 284 -6.64 14.18 1.77
CA ALA A 284 -6.59 13.87 0.34
C ALA A 284 -7.03 15.05 -0.51
N GLU A 285 -8.09 15.73 -0.10
CA GLU A 285 -8.57 16.88 -0.84
C GLU A 285 -7.51 17.98 -0.89
N ARG A 286 -6.79 18.18 0.20
CA ARG A 286 -5.81 19.24 0.25
C ARG A 286 -4.64 18.90 -0.65
N VAL A 287 -4.26 17.63 -0.67
CA VAL A 287 -3.16 17.17 -1.50
C VAL A 287 -3.49 17.39 -2.98
N ALA A 288 -4.67 16.88 -3.38
CA ALA A 288 -5.10 16.92 -4.78
C ALA A 288 -5.14 18.36 -5.31
N LEU A 289 -5.69 19.26 -4.50
CA LEU A 289 -5.80 20.66 -4.87
C LEU A 289 -4.45 21.37 -4.94
N SER A 290 -3.40 20.73 -4.45
CA SER A 290 -2.08 21.33 -4.43
C SER A 290 -1.19 20.77 -5.52
N ILE A 291 -1.74 19.89 -6.33
CA ILE A 291 -0.99 19.27 -7.41
C ILE A 291 -0.62 20.32 -8.47
N ARG A 292 0.67 20.41 -8.79
CA ARG A 292 1.17 21.35 -9.78
C ARG A 292 2.07 20.63 -10.76
N PRO A 293 2.12 21.12 -12.01
CA PRO A 293 3.07 20.56 -12.98
C PRO A 293 4.45 21.15 -12.76
N GLU A 294 5.44 20.63 -13.45
CA GLU A 294 6.81 21.04 -13.23
C GLU A 294 7.47 21.62 -14.48
#